data_5U3G
#
_entry.id   5U3G
#
_cell.length_a   67.441
_cell.length_b   78.371
_cell.length_c   98.844
_cell.angle_alpha   90.00
_cell.angle_beta   90.00
_cell.angle_gamma   90.00
#
_symmetry.space_group_name_H-M   'I 2 2 2'
#
loop_
_entity.id
_entity.type
_entity.pdbx_description
1 polymer 'ykkC riboswitch'
2 non-polymer 'MAGNESIUM ION'
3 non-polymer GUANIDINE
4 non-polymer 'POTASSIUM ION'
5 water water
#
_entity_poly.entity_id   1
_entity_poly.type   'polyribonucleotide'
_entity_poly.pdbx_seq_one_letter_code
;(GTP)GUGACUAGGGUUCCGGCGAAAGCCGGUCCGAGAGUUACCGACCGCCGAAAGGCGGUUACACGGCGGGAAAAAAGC
CCGGGAGGA
;
_entity_poly.pdbx_strand_id   B
#